data_5DXD
#
_entry.id   5DXD
#
_cell.length_a   52.390
_cell.length_b   52.390
_cell.length_c   223.350
_cell.angle_alpha   90.000
_cell.angle_beta   90.000
_cell.angle_gamma   90.000
#
_symmetry.space_group_name_H-M   'P 43'
#
loop_
_entity.id
_entity.type
_entity.pdbx_description
1 polymer 'Putative beta-glucanase'
2 non-polymer 'SODIUM ION'
3 water water
#
_entity_poly.entity_id   1
_entity_poly.type   'polypeptide(L)'
_entity_poly.pdbx_seq_one_letter_code
;MAHHHHHHADRVHPPAAPPDAQSSGFVFRDEFDGPAGSAPDGSKWVAAKFRERIKNPVFWDRPENMGEYRDSRTNIFLDG
NSNLVIRATKEGNKYFSGKLHGTFRGGMGHTFEARIKFNCLTDGCWPAWWLLNDNPERGGEIDMAEWYGNRDWPSGTTVH
ARLDGTSFETLPVPIDSNWHTWRCTWTEAGLYFWMDYHDGMEPYLTVDANSLDDWPFNDPGYTLQPMLNLAVAGSGGGDP
AGGSYPAEMLVDYVRVW
;
_entity_poly.pdbx_strand_id   A,B
#
# COMPACT_ATOMS: atom_id res chain seq x y z
N GLY A 25 15.10 -12.20 -21.01
CA GLY A 25 15.39 -10.80 -21.24
C GLY A 25 15.46 -10.24 -22.66
N PHE A 26 14.99 -9.00 -22.84
CA PHE A 26 14.56 -8.17 -21.71
C PHE A 26 13.19 -8.55 -21.20
N VAL A 27 13.11 -8.79 -19.89
CA VAL A 27 11.83 -8.98 -19.24
CA VAL A 27 11.83 -8.98 -19.23
C VAL A 27 11.20 -7.65 -18.85
N PHE A 28 12.01 -6.64 -18.54
CA PHE A 28 11.53 -5.27 -18.37
C PHE A 28 12.56 -4.33 -18.95
N ARG A 29 12.09 -3.23 -19.56
CA ARG A 29 13.00 -2.19 -20.01
C ARG A 29 12.25 -0.86 -20.11
N ASP A 30 13.01 0.21 -19.98
CA ASP A 30 12.51 1.56 -20.25
C ASP A 30 13.69 2.39 -20.69
N GLU A 31 13.64 2.84 -21.94
CA GLU A 31 14.69 3.63 -22.55
C GLU A 31 14.49 5.12 -22.34
N PHE A 32 13.33 5.53 -21.80
CA PHE A 32 13.02 6.91 -21.43
C PHE A 32 12.98 7.83 -22.65
N ASP A 33 12.43 7.31 -23.73
CA ASP A 33 12.23 8.12 -24.91
C ASP A 33 10.91 8.86 -24.83
N GLY A 34 10.86 10.01 -25.49
CA GLY A 34 9.70 10.85 -25.41
C GLY A 34 10.04 12.32 -25.38
N PRO A 35 9.04 13.15 -25.70
CA PRO A 35 9.30 14.58 -25.87
C PRO A 35 9.53 15.26 -24.55
N ALA A 36 10.37 16.30 -24.60
CA ALA A 36 10.83 16.98 -23.40
C ALA A 36 9.65 17.39 -22.53
N GLY A 37 9.86 17.33 -21.22
CA GLY A 37 8.77 17.65 -20.31
C GLY A 37 7.66 16.62 -20.24
N SER A 38 7.76 15.50 -20.93
CA SER A 38 6.71 14.52 -20.79
C SER A 38 6.88 13.73 -19.49
N ALA A 39 5.91 12.96 -19.19
CA ALA A 39 6.03 12.22 -17.94
C ALA A 39 6.56 10.82 -18.21
N PRO A 40 7.22 10.20 -17.23
CA PRO A 40 7.60 8.80 -17.36
C PRO A 40 6.39 7.93 -17.62
N ASP A 41 6.64 6.78 -18.25
CA ASP A 41 5.60 5.84 -18.60
C ASP A 41 4.82 5.43 -17.36
N GLY A 42 3.55 5.81 -17.30
CA GLY A 42 2.74 5.51 -16.14
C GLY A 42 2.39 4.04 -15.98
N SER A 43 2.57 3.24 -17.03
CA SER A 43 2.43 1.80 -16.86
C SER A 43 3.66 1.18 -16.24
N LYS A 44 4.80 1.88 -16.30
CA LYS A 44 6.06 1.38 -15.79
C LYS A 44 6.45 1.99 -14.47
N TRP A 45 5.97 3.20 -14.16
CA TRP A 45 6.46 3.97 -13.03
C TRP A 45 5.32 4.70 -12.34
N VAL A 46 5.35 4.69 -11.01
CA VAL A 46 4.42 5.49 -10.21
C VAL A 46 5.25 6.46 -9.40
N ALA A 47 5.01 7.76 -9.60
CA ALA A 47 5.77 8.79 -8.92
C ALA A 47 5.17 9.05 -7.54
N ALA A 48 6.05 9.14 -6.55
CA ALA A 48 5.64 9.46 -5.20
C ALA A 48 5.06 10.87 -5.17
N LYS A 49 3.91 10.99 -4.51
CA LYS A 49 3.24 12.26 -4.32
C LYS A 49 3.57 12.92 -2.99
N PHE A 50 4.31 12.23 -2.13
CA PHE A 50 4.79 12.85 -0.91
C PHE A 50 5.98 12.07 -0.35
N ARG A 51 6.71 12.72 0.54
CA ARG A 51 7.84 12.13 1.26
C ARG A 51 7.33 11.35 2.49
N GLU A 52 7.71 10.07 2.55
CA GLU A 52 7.30 9.14 3.61
C GLU A 52 7.49 9.76 4.99
N ARG A 53 6.52 9.51 5.87
CA ARG A 53 6.60 9.99 7.24
C ARG A 53 7.51 9.06 8.06
N ILE A 54 8.55 9.64 8.69
CA ILE A 54 9.50 8.90 9.51
C ILE A 54 9.05 8.91 10.97
N LYS A 55 9.28 7.79 11.65
CA LYS A 55 8.91 7.65 13.06
C LYS A 55 10.08 8.03 13.97
N ASN A 56 9.77 8.81 15.01
CA ASN A 56 10.70 9.37 15.99
C ASN A 56 12.02 9.74 15.33
N PRO A 57 12.03 10.73 14.43
CA PRO A 57 13.17 10.90 13.52
C PRO A 57 14.27 11.81 14.03
N VAL A 58 15.44 11.69 13.39
CA VAL A 58 16.52 12.68 13.57
C VAL A 58 16.11 14.01 12.93
N PHE A 59 16.80 15.09 13.32
CA PHE A 59 16.42 16.44 12.92
C PHE A 59 16.01 16.56 11.45
N TRP A 60 16.88 16.12 10.55
CA TRP A 60 16.62 16.29 9.12
C TRP A 60 15.60 15.32 8.57
N ASP A 61 15.07 14.40 9.39
CA ASP A 61 13.90 13.59 9.03
C ASP A 61 12.60 14.14 9.59
N ARG A 62 12.64 15.25 10.30
CA ARG A 62 11.41 15.87 10.78
C ARG A 62 10.61 16.34 9.57
N PRO A 63 9.28 16.14 9.58
CA PRO A 63 8.48 16.47 8.38
C PRO A 63 8.70 17.87 7.83
N GLU A 64 8.89 18.87 8.70
CA GLU A 64 9.14 20.24 8.28
C GLU A 64 10.55 20.46 7.76
N ASN A 65 11.45 19.48 7.93
CA ASN A 65 12.83 19.58 7.47
C ASN A 65 13.13 18.74 6.23
N MET A 66 12.37 17.69 5.96
CA MET A 66 12.59 16.92 4.75
C MET A 66 12.10 17.64 3.52
N GLY A 67 12.73 17.34 2.39
CA GLY A 67 12.25 17.79 1.11
C GLY A 67 11.17 16.85 0.58
N GLU A 68 10.17 17.44 -0.07
CA GLU A 68 8.97 16.71 -0.47
C GLU A 68 9.12 16.08 -1.84
N TYR A 69 8.28 15.09 -2.11
CA TYR A 69 8.19 14.47 -3.43
C TYR A 69 6.93 14.98 -4.10
N ARG A 70 7.03 15.33 -5.38
CA ARG A 70 5.85 15.69 -6.16
C ARG A 70 5.85 14.91 -7.47
N ASP A 71 4.66 14.46 -7.87
CA ASP A 71 4.44 13.95 -9.23
C ASP A 71 4.21 15.15 -10.15
N SER A 72 5.31 15.83 -10.47
CA SER A 72 5.26 17.09 -11.20
C SER A 72 6.36 17.07 -12.25
N ARG A 73 6.05 17.61 -13.43
CA ARG A 73 7.03 17.76 -14.51
C ARG A 73 8.13 18.77 -14.18
N THR A 74 8.08 19.48 -13.06
CA THR A 74 9.26 20.25 -12.73
C THR A 74 10.31 19.40 -12.04
N ASN A 75 9.90 18.27 -11.47
CA ASN A 75 10.81 17.41 -10.71
C ASN A 75 11.08 16.07 -11.36
N ILE A 76 10.17 15.56 -12.18
CA ILE A 76 10.36 14.28 -12.87
C ILE A 76 9.80 14.44 -14.27
N PHE A 77 10.65 14.36 -15.27
CA PHE A 77 10.24 14.55 -16.65
C PHE A 77 11.26 13.83 -17.53
N LEU A 78 10.89 13.64 -18.80
CA LEU A 78 11.83 13.21 -19.82
C LEU A 78 12.40 14.43 -20.52
N ASP A 79 13.69 14.40 -20.85
CA ASP A 79 14.31 15.58 -21.43
C ASP A 79 14.17 15.67 -22.96
N GLY A 80 13.59 14.68 -23.63
CA GLY A 80 13.52 14.69 -25.08
C GLY A 80 14.80 14.25 -25.74
N ASN A 81 15.84 13.99 -24.95
CA ASN A 81 17.11 13.41 -25.39
C ASN A 81 17.26 11.98 -24.88
N SER A 82 16.15 11.33 -24.49
CA SER A 82 16.15 9.94 -24.03
C SER A 82 16.79 9.76 -22.65
N ASN A 83 16.64 10.76 -21.79
CA ASN A 83 16.95 10.63 -20.37
C ASN A 83 15.70 10.92 -19.55
N LEU A 84 15.51 10.14 -18.49
CA LEU A 84 14.69 10.56 -17.37
C LEU A 84 15.51 11.53 -16.53
N VAL A 85 14.93 12.66 -16.20
CA VAL A 85 15.54 13.63 -15.31
C VAL A 85 14.74 13.64 -14.01
N ILE A 86 15.41 13.41 -12.89
CA ILE A 86 14.84 13.65 -11.57
C ILE A 86 15.59 14.85 -10.98
N ARG A 87 14.86 15.96 -10.75
CA ARG A 87 15.49 17.24 -10.44
C ARG A 87 15.02 17.75 -9.10
N ALA A 88 15.98 18.07 -8.22
CA ALA A 88 15.70 18.76 -6.97
C ALA A 88 15.60 20.25 -7.25
N THR A 89 14.55 20.89 -6.76
CA THR A 89 14.38 22.33 -6.93
C THR A 89 14.18 22.97 -5.56
N LYS A 90 14.59 24.23 -5.44
CA LYS A 90 14.31 25.04 -4.26
C LYS A 90 13.31 26.11 -4.66
N GLU A 91 12.15 26.09 -4.02
CA GLU A 91 11.09 27.06 -4.25
C GLU A 91 10.81 27.78 -2.94
N GLY A 92 11.32 29.00 -2.82
CA GLY A 92 11.28 29.68 -1.54
C GLY A 92 12.20 28.97 -0.56
N ASN A 93 11.68 28.71 0.63
CA ASN A 93 12.46 28.03 1.66
C ASN A 93 12.25 26.52 1.67
N LYS A 94 11.48 25.98 0.74
CA LYS A 94 11.18 24.55 0.69
C LYS A 94 11.88 23.90 -0.51
N TYR A 95 12.13 22.59 -0.39
CA TYR A 95 12.77 21.80 -1.45
C TYR A 95 11.83 20.70 -1.94
N PHE A 96 11.93 20.36 -3.23
CA PHE A 96 11.08 19.36 -3.87
C PHE A 96 11.91 18.52 -4.84
N SER A 97 11.57 17.24 -4.95
CA SER A 97 12.29 16.39 -5.87
C SER A 97 11.36 15.26 -6.35
N GLY A 98 11.96 14.17 -6.84
CA GLY A 98 11.19 13.07 -7.38
C GLY A 98 11.57 11.70 -6.87
N LYS A 99 10.58 10.78 -6.90
CA LYS A 99 10.78 9.36 -6.64
C LYS A 99 9.86 8.55 -7.55
N LEU A 100 10.44 7.62 -8.28
CA LEU A 100 9.71 6.73 -9.18
C LEU A 100 9.68 5.34 -8.57
N HIS A 101 8.48 4.80 -8.43
CA HIS A 101 8.27 3.45 -7.91
C HIS A 101 7.84 2.59 -9.09
N GLY A 102 8.71 1.66 -9.51
CA GLY A 102 8.42 0.87 -10.70
C GLY A 102 7.38 -0.21 -10.43
N THR A 103 6.55 -0.48 -11.44
CA THR A 103 5.51 -1.50 -11.27
C THR A 103 6.07 -2.91 -11.47
N PHE A 104 7.14 -3.07 -12.25
CA PHE A 104 7.65 -4.38 -12.57
C PHE A 104 8.06 -5.12 -11.30
N ARG A 105 7.60 -6.37 -11.18
CA ARG A 105 8.03 -7.31 -10.13
C ARG A 105 8.88 -8.40 -10.77
N GLY A 106 10.18 -8.35 -10.54
CA GLY A 106 11.05 -9.38 -11.07
C GLY A 106 11.50 -10.35 -10.00
N GLY A 107 11.89 -11.57 -10.37
CA GLY A 107 12.22 -12.61 -9.42
C GLY A 107 13.65 -13.13 -9.55
N MET A 108 13.95 -14.15 -8.76
CA MET A 108 15.27 -14.76 -8.76
C MET A 108 15.62 -15.22 -10.17
N GLY A 109 16.89 -15.04 -10.56
CA GLY A 109 17.33 -15.40 -11.88
C GLY A 109 17.31 -14.26 -12.86
N HIS A 110 17.37 -13.03 -12.39
CA HIS A 110 17.35 -11.84 -13.22
C HIS A 110 18.51 -10.92 -12.88
N THR A 111 18.91 -10.18 -13.90
CA THR A 111 19.85 -9.07 -13.79
C THR A 111 19.08 -7.77 -13.95
N PHE A 112 19.45 -6.77 -13.14
CA PHE A 112 18.84 -5.44 -13.14
C PHE A 112 19.94 -4.42 -13.41
N GLU A 113 19.76 -3.57 -14.43
CA GLU A 113 20.78 -2.55 -14.72
C GLU A 113 20.17 -1.18 -15.02
N ALA A 114 20.79 -0.14 -14.48
CA ALA A 114 20.44 1.24 -14.80
C ALA A 114 21.69 2.00 -15.19
N ARG A 115 21.61 2.77 -16.27
CA ARG A 115 22.66 3.72 -16.63
C ARG A 115 22.26 5.09 -16.09
N ILE A 116 23.11 5.69 -15.26
CA ILE A 116 22.75 6.87 -14.48
C ILE A 116 23.89 7.88 -14.49
N LYS A 117 23.53 9.17 -14.46
CA LYS A 117 24.47 10.26 -14.26
C LYS A 117 24.03 11.06 -13.04
N PHE A 118 24.86 11.09 -12.00
CA PHE A 118 24.54 11.86 -10.79
C PHE A 118 25.11 13.26 -10.97
N ASN A 119 24.28 14.16 -11.50
CA ASN A 119 24.57 15.59 -11.56
C ASN A 119 24.04 16.33 -10.34
N CYS A 120 24.11 15.69 -9.17
CA CYS A 120 23.41 16.14 -7.97
C CYS A 120 24.20 15.77 -6.72
N LEU A 121 25.51 15.59 -6.83
CA LEU A 121 26.36 15.26 -5.70
C LEU A 121 26.64 16.57 -4.98
N THR A 122 25.64 17.06 -4.24
CA THR A 122 25.70 18.37 -3.60
C THR A 122 24.99 18.32 -2.25
N ASP A 123 25.28 19.30 -1.40
CA ASP A 123 24.72 19.31 -0.05
C ASP A 123 23.21 19.12 -0.08
N GLY A 124 22.71 18.23 0.78
CA GLY A 124 21.31 17.97 0.90
C GLY A 124 20.79 16.84 0.03
N CYS A 125 21.44 16.56 -1.10
CA CYS A 125 20.92 15.58 -2.04
C CYS A 125 21.24 14.16 -1.60
N TRP A 126 20.30 13.26 -1.91
CA TRP A 126 20.39 11.87 -1.48
C TRP A 126 19.78 11.01 -2.59
N PRO A 127 20.52 10.79 -3.68
CA PRO A 127 19.97 10.02 -4.79
C PRO A 127 20.19 8.53 -4.61
N ALA A 128 19.40 7.74 -5.32
CA ALA A 128 19.56 6.30 -5.15
C ALA A 128 18.96 5.53 -6.32
N TRP A 129 19.56 4.37 -6.58
CA TRP A 129 18.99 3.38 -7.49
C TRP A 129 18.99 2.05 -6.73
N TRP A 130 17.82 1.44 -6.60
CA TRP A 130 17.64 0.35 -5.64
C TRP A 130 16.46 -0.53 -6.06
N LEU A 131 16.32 -1.64 -5.34
CA LEU A 131 15.25 -2.62 -5.54
C LEU A 131 14.58 -2.87 -4.19
N LEU A 132 13.27 -3.06 -4.24
CA LEU A 132 12.43 -3.09 -3.05
C LEU A 132 11.45 -4.24 -3.07
N ASN A 133 11.40 -5.01 -1.98
CA ASN A 133 10.26 -5.85 -1.67
C ASN A 133 9.62 -5.27 -0.40
N ASP A 134 8.36 -4.86 -0.53
CA ASP A 134 7.66 -4.05 0.45
C ASP A 134 6.87 -4.85 1.48
N ASN A 135 7.03 -6.17 1.49
CA ASN A 135 6.28 -7.06 2.36
C ASN A 135 6.59 -6.68 3.81
N PRO A 136 5.58 -6.31 4.61
CA PRO A 136 5.91 -5.82 5.95
C PRO A 136 6.64 -6.83 6.83
N GLU A 137 6.38 -8.13 6.64
CA GLU A 137 6.94 -9.19 7.46
C GLU A 137 8.22 -9.80 6.90
N ARG A 138 8.46 -9.72 5.59
CA ARG A 138 9.64 -10.34 4.99
C ARG A 138 10.23 -9.48 3.88
N GLY A 139 9.95 -8.19 3.89
CA GLY A 139 10.53 -7.27 2.93
C GLY A 139 12.04 -7.23 2.98
N GLY A 140 12.60 -6.55 1.99
CA GLY A 140 14.03 -6.45 1.79
C GLY A 140 14.37 -5.39 0.78
N GLU A 141 15.62 -4.95 0.79
CA GLU A 141 16.02 -3.83 -0.04
C GLU A 141 17.45 -3.99 -0.52
N ILE A 142 17.67 -3.71 -1.79
CA ILE A 142 18.98 -3.79 -2.41
C ILE A 142 19.30 -2.40 -2.97
N ASP A 143 20.16 -1.66 -2.27
CA ASP A 143 20.64 -0.35 -2.70
C ASP A 143 21.94 -0.53 -3.47
N MET A 144 21.89 -0.48 -4.80
CA MET A 144 23.15 -0.70 -5.51
C MET A 144 23.88 0.60 -5.85
N ALA A 145 23.19 1.74 -5.88
CA ALA A 145 23.85 3.05 -6.00
C ALA A 145 23.18 4.01 -5.03
N GLU A 146 23.95 4.52 -4.07
CA GLU A 146 23.45 5.42 -3.04
C GLU A 146 24.53 6.43 -2.68
N TRP A 147 24.17 7.71 -2.59
CA TRP A 147 25.10 8.76 -2.24
C TRP A 147 24.45 9.69 -1.24
N TYR A 148 25.22 10.17 -0.26
CA TYR A 148 24.69 10.92 0.87
C TYR A 148 25.18 12.35 0.82
N GLY A 149 24.24 13.28 0.71
CA GLY A 149 24.62 14.66 0.75
C GLY A 149 24.82 15.23 2.13
N ASN A 150 24.74 14.41 3.19
CA ASN A 150 24.92 14.93 4.54
C ASN A 150 26.38 15.14 4.91
N ARG A 151 27.30 14.91 3.97
CA ARG A 151 28.72 15.19 4.11
C ARG A 151 29.41 14.31 5.15
N ASP A 152 28.79 13.18 5.51
CA ASP A 152 29.30 12.32 6.57
C ASP A 152 29.40 10.88 6.11
N TRP A 153 28.26 10.33 5.65
CA TRP A 153 28.18 8.90 5.33
C TRP A 153 28.79 8.64 3.95
N PRO A 154 29.53 7.53 3.80
CA PRO A 154 30.13 7.22 2.50
C PRO A 154 29.11 6.58 1.57
N SER A 155 29.17 7.01 0.30
CA SER A 155 28.38 6.40 -0.76
C SER A 155 28.73 4.91 -0.87
N GLY A 156 27.76 4.11 -1.32
CA GLY A 156 28.03 2.68 -1.46
C GLY A 156 26.84 1.85 -1.85
N THR A 157 26.95 0.56 -1.55
CA THR A 157 25.99 -0.47 -1.95
C THR A 157 25.65 -1.33 -0.73
N THR A 158 24.34 -1.57 -0.53
CA THR A 158 23.86 -2.20 0.70
C THR A 158 22.77 -3.22 0.38
N VAL A 159 22.89 -4.42 0.94
CA VAL A 159 21.81 -5.40 0.88
C VAL A 159 21.17 -5.42 2.25
N HIS A 160 19.86 -5.18 2.29
CA HIS A 160 19.07 -5.15 3.51
C HIS A 160 18.16 -6.37 3.54
N ALA A 161 18.37 -7.25 4.53
CA ALA A 161 17.55 -8.42 4.71
C ALA A 161 16.24 -8.09 5.42
N ARG A 162 16.24 -7.03 6.24
CA ARG A 162 15.08 -6.54 6.96
C ARG A 162 14.86 -5.07 6.64
N LEU A 163 13.60 -4.68 6.52
CA LEU A 163 13.30 -3.29 6.22
C LEU A 163 13.59 -2.36 7.40
N ASP A 164 13.72 -2.89 8.61
CA ASP A 164 14.06 -2.04 9.75
C ASP A 164 15.54 -1.68 9.80
N GLY A 165 16.35 -2.18 8.87
CA GLY A 165 17.75 -1.82 8.76
C GLY A 165 18.69 -2.50 9.73
N THR A 166 18.26 -3.58 10.38
CA THR A 166 19.04 -4.26 11.41
C THR A 166 19.76 -5.50 10.90
N SER A 167 19.64 -5.85 9.63
CA SER A 167 20.30 -7.06 9.11
C SER A 167 20.74 -6.77 7.67
N PHE A 168 21.99 -6.35 7.52
CA PHE A 168 22.47 -5.86 6.24
C PHE A 168 23.94 -6.19 6.02
N GLU A 169 24.35 -5.99 4.76
CA GLU A 169 25.73 -6.08 4.30
C GLU A 169 26.02 -4.87 3.43
N THR A 170 27.07 -4.12 3.74
CA THR A 170 27.35 -2.87 3.03
C THR A 170 28.80 -2.85 2.54
N LEU A 171 29.01 -2.09 1.46
CA LEU A 171 30.33 -1.84 0.90
C LEU A 171 30.41 -0.42 0.38
N PRO A 172 31.20 0.46 1.00
CA PRO A 172 31.41 1.80 0.41
C PRO A 172 31.98 1.73 -1.00
N VAL A 173 31.42 2.55 -1.89
CA VAL A 173 31.84 2.59 -3.29
C VAL A 173 31.91 4.04 -3.74
N PRO A 174 33.06 4.54 -4.16
CA PRO A 174 33.12 5.93 -4.65
C PRO A 174 32.18 6.18 -5.81
N ILE A 175 31.41 7.25 -5.72
CA ILE A 175 30.44 7.63 -6.74
C ILE A 175 30.76 9.05 -7.19
N ASP A 176 30.99 9.24 -8.48
CA ASP A 176 31.27 10.56 -9.07
C ASP A 176 30.14 10.95 -10.02
N SER A 177 30.33 12.06 -10.74
CA SER A 177 29.29 12.59 -11.61
C SER A 177 29.37 12.10 -13.05
N ASN A 178 30.20 11.11 -13.35
CA ASN A 178 30.29 10.57 -14.70
C ASN A 178 29.17 9.56 -14.93
N TRP A 179 28.94 9.21 -16.20
CA TRP A 179 27.98 8.16 -16.50
C TRP A 179 28.51 6.82 -16.05
N HIS A 180 27.66 6.04 -15.40
CA HIS A 180 28.00 4.68 -14.99
C HIS A 180 26.78 3.78 -15.14
N THR A 181 27.04 2.52 -15.41
CA THR A 181 26.03 1.47 -15.35
C THR A 181 26.18 0.78 -14.01
N TRP A 182 25.06 0.57 -13.33
CA TRP A 182 25.01 -0.13 -12.07
C TRP A 182 24.20 -1.39 -12.25
N ARG A 183 24.79 -2.52 -11.90
CA ARG A 183 24.19 -3.83 -12.18
C ARG A 183 24.08 -4.67 -10.92
N CYS A 184 22.98 -5.41 -10.81
CA CYS A 184 22.80 -6.47 -9.82
C CYS A 184 22.29 -7.73 -10.51
N THR A 185 22.98 -8.84 -10.26
CA THR A 185 22.52 -10.15 -10.70
C THR A 185 22.05 -10.94 -9.48
N TRP A 186 20.82 -11.42 -9.53
CA TRP A 186 20.20 -12.13 -8.44
C TRP A 186 20.04 -13.58 -8.88
N THR A 187 20.73 -14.46 -8.19
CA THR A 187 20.68 -15.89 -8.49
C THR A 187 20.36 -16.64 -7.21
N GLU A 188 20.18 -17.95 -7.33
CA GLU A 188 19.99 -18.73 -6.12
C GLU A 188 21.20 -18.64 -5.19
N ALA A 189 22.39 -18.33 -5.72
CA ALA A 189 23.59 -18.30 -4.89
C ALA A 189 23.78 -16.98 -4.14
N GLY A 190 23.14 -15.92 -4.60
CA GLY A 190 23.11 -14.67 -3.90
C GLY A 190 23.06 -13.51 -4.89
N LEU A 191 23.68 -12.40 -4.49
CA LEU A 191 23.58 -11.11 -5.16
C LEU A 191 24.96 -10.59 -5.54
N TYR A 192 25.11 -10.20 -6.81
CA TYR A 192 26.38 -9.81 -7.42
C TYR A 192 26.22 -8.40 -7.98
N PHE A 193 27.19 -7.53 -7.73
CA PHE A 193 27.10 -6.13 -8.10
C PHE A 193 28.30 -5.73 -8.96
N TRP A 194 28.00 -5.10 -10.10
CA TRP A 194 29.01 -4.55 -11.00
C TRP A 194 28.76 -3.08 -11.24
N MET A 195 29.86 -2.34 -11.39
CA MET A 195 29.88 -0.98 -11.91
C MET A 195 30.59 -1.01 -13.26
N ASP A 196 29.94 -0.47 -14.28
CA ASP A 196 30.45 -0.49 -15.66
C ASP A 196 30.92 -1.88 -16.05
N TYR A 197 29.96 -2.82 -16.05
CA TYR A 197 30.24 -4.20 -16.38
C TYR A 197 30.90 -4.32 -17.74
N HIS A 198 31.84 -5.26 -17.84
CA HIS A 198 32.22 -5.86 -19.11
C HIS A 198 32.39 -7.35 -18.90
N ASP A 199 32.40 -8.09 -20.01
CA ASP A 199 32.70 -9.50 -19.99
C ASP A 199 34.04 -9.73 -19.32
N GLY A 200 34.04 -10.55 -18.29
CA GLY A 200 35.24 -10.78 -17.52
C GLY A 200 35.44 -9.89 -16.32
N MET A 201 34.50 -8.99 -16.04
CA MET A 201 34.63 -8.17 -14.85
C MET A 201 34.21 -8.95 -13.61
N GLU A 202 35.05 -8.92 -12.58
CA GLU A 202 34.58 -9.57 -11.37
C GLU A 202 33.65 -8.62 -10.60
N PRO A 203 32.59 -9.15 -9.97
CA PRO A 203 31.70 -8.26 -9.22
C PRO A 203 32.46 -7.61 -8.07
N TYR A 204 32.12 -6.34 -7.80
CA TYR A 204 32.80 -5.66 -6.69
C TYR A 204 32.20 -6.02 -5.34
N LEU A 205 31.02 -6.62 -5.36
CA LEU A 205 30.40 -7.15 -4.15
C LEU A 205 29.64 -8.40 -4.56
N THR A 206 29.75 -9.43 -3.73
CA THR A 206 28.98 -10.65 -3.82
C THR A 206 28.43 -10.92 -2.42
N VAL A 207 27.11 -10.95 -2.28
CA VAL A 207 26.47 -11.20 -1.00
C VAL A 207 25.83 -12.58 -1.09
N ASP A 208 26.36 -13.55 -0.36
CA ASP A 208 25.90 -14.93 -0.49
C ASP A 208 24.50 -15.07 0.08
N ALA A 209 23.75 -16.04 -0.45
CA ALA A 209 22.44 -16.36 0.11
C ALA A 209 22.58 -16.81 1.55
N ASN A 210 21.61 -16.44 2.38
CA ASN A 210 21.59 -16.81 3.80
C ASN A 210 22.78 -16.25 4.58
N SER A 211 23.48 -15.27 4.01
CA SER A 211 24.59 -14.63 4.72
C SER A 211 24.11 -13.54 5.68
N LEU A 212 22.80 -13.31 5.75
CA LEU A 212 22.19 -12.32 6.63
C LEU A 212 21.04 -12.95 7.41
N ASP A 213 20.85 -12.48 8.64
CA ASP A 213 19.73 -12.98 9.43
C ASP A 213 18.42 -12.60 8.74
N ASP A 214 17.50 -13.57 8.69
CA ASP A 214 16.18 -13.41 8.08
C ASP A 214 16.27 -13.18 6.57
N TRP A 215 17.34 -13.68 5.93
CA TRP A 215 17.56 -13.52 4.49
C TRP A 215 16.28 -13.89 3.72
N PRO A 216 15.65 -12.93 3.05
CA PRO A 216 14.36 -13.22 2.38
C PRO A 216 14.45 -13.56 0.90
N PHE A 217 15.58 -13.27 0.26
CA PHE A 217 15.70 -13.25 -1.19
C PHE A 217 15.69 -14.64 -1.83
N ASN A 218 15.63 -15.71 -1.05
CA ASN A 218 15.48 -17.05 -1.61
C ASN A 218 14.11 -17.64 -1.32
N ASP A 219 13.17 -16.82 -0.85
CA ASP A 219 11.82 -17.26 -0.56
C ASP A 219 11.03 -17.53 -1.83
N PRO A 220 10.11 -18.49 -1.78
CA PRO A 220 9.23 -18.74 -2.93
C PRO A 220 8.46 -17.47 -3.33
N GLY A 221 8.45 -17.18 -4.63
CA GLY A 221 7.71 -16.07 -5.16
C GLY A 221 8.19 -14.68 -4.76
N TYR A 222 9.42 -14.55 -4.28
CA TYR A 222 9.94 -13.24 -3.89
C TYR A 222 10.15 -12.37 -5.13
N THR A 223 9.71 -11.13 -5.07
CA THR A 223 9.89 -10.20 -6.18
C THR A 223 10.48 -8.89 -5.68
N LEU A 224 11.18 -8.21 -6.58
CA LEU A 224 11.78 -6.90 -6.32
C LEU A 224 11.35 -5.93 -7.42
N GLN A 225 10.93 -4.71 -6.99
CA GLN A 225 10.55 -3.63 -7.88
C GLN A 225 11.67 -2.61 -7.98
N PRO A 226 11.88 -2.08 -9.19
CA PRO A 226 12.95 -1.11 -9.42
C PRO A 226 12.54 0.28 -8.96
N MET A 227 13.47 0.97 -8.30
CA MET A 227 13.20 2.25 -7.67
C MET A 227 14.28 3.26 -8.06
N LEU A 228 13.86 4.52 -8.17
CA LEU A 228 14.72 5.66 -8.52
C LEU A 228 14.27 6.87 -7.74
N ASN A 229 15.19 7.57 -7.07
CA ASN A 229 14.79 8.80 -6.41
C ASN A 229 15.99 9.69 -6.19
N LEU A 230 15.69 10.98 -6.05
CA LEU A 230 16.63 11.97 -5.56
C LEU A 230 15.93 12.59 -4.35
N ALA A 231 16.24 12.12 -3.15
CA ALA A 231 15.69 12.77 -1.97
C ALA A 231 16.51 14.01 -1.62
N VAL A 232 15.83 15.00 -1.02
CA VAL A 232 16.51 16.16 -0.46
C VAL A 232 16.24 16.20 1.04
N ALA A 233 17.29 16.48 1.82
CA ALA A 233 17.24 16.42 3.29
C ALA A 233 16.98 14.96 3.68
N GLY A 234 16.35 14.73 4.84
CA GLY A 234 16.33 13.43 5.44
C GLY A 234 17.68 13.13 6.04
N SER A 235 17.80 11.98 6.73
CA SER A 235 19.04 11.63 7.43
C SER A 235 20.25 11.57 6.48
N GLY A 236 20.09 10.90 5.33
CA GLY A 236 21.20 10.76 4.41
C GLY A 236 21.52 12.04 3.65
N GLY A 237 20.51 12.88 3.44
CA GLY A 237 20.67 14.15 2.78
C GLY A 237 21.33 15.25 3.60
N GLY A 238 20.91 15.42 4.85
CA GLY A 238 21.42 16.52 5.64
C GLY A 238 20.90 17.88 5.22
N ASP A 239 21.64 18.89 5.64
CA ASP A 239 21.29 20.28 5.43
C ASP A 239 21.52 20.68 3.98
N PRO A 240 20.47 21.07 3.24
CA PRO A 240 20.67 21.50 1.85
C PRO A 240 21.11 22.96 1.70
N ALA A 241 21.28 23.70 2.80
CA ALA A 241 21.64 25.12 2.72
C ALA A 241 22.88 25.36 1.87
N GLY A 242 23.93 24.55 2.06
CA GLY A 242 25.16 24.70 1.29
C GLY A 242 25.15 24.14 -0.12
N GLY A 243 24.08 23.50 -0.56
CA GLY A 243 24.08 22.83 -1.84
C GLY A 243 23.69 23.75 -2.98
N SER A 244 24.08 23.35 -4.19
CA SER A 244 23.77 24.07 -5.42
C SER A 244 22.50 23.47 -6.01
N TYR A 245 21.41 24.20 -5.93
CA TYR A 245 20.15 23.77 -6.52
C TYR A 245 19.80 24.73 -7.64
N PRO A 246 19.12 24.24 -8.69
CA PRO A 246 18.67 22.85 -8.85
C PRO A 246 19.79 21.83 -9.09
N ALA A 247 19.46 20.58 -8.82
CA ALA A 247 20.40 19.47 -8.87
C ALA A 247 19.70 18.31 -9.56
N GLU A 248 20.39 17.58 -10.42
CA GLU A 248 19.70 16.67 -11.31
C GLU A 248 20.30 15.27 -11.26
N MET A 249 19.42 14.29 -11.42
CA MET A 249 19.77 12.90 -11.60
C MET A 249 19.29 12.48 -12.99
N LEU A 250 20.20 11.94 -13.80
CA LEU A 250 19.86 11.50 -15.15
C LEU A 250 19.87 9.98 -15.24
N VAL A 251 18.85 9.43 -15.88
CA VAL A 251 18.70 7.98 -16.06
C VAL A 251 18.46 7.71 -17.54
N ASP A 252 19.46 7.12 -18.20
CA ASP A 252 19.36 6.77 -19.60
C ASP A 252 18.43 5.57 -19.83
N TYR A 253 18.51 4.57 -18.96
CA TYR A 253 17.62 3.42 -19.12
C TYR A 253 17.60 2.68 -17.79
N VAL A 254 16.61 1.80 -17.67
CA VAL A 254 16.56 0.73 -16.67
C VAL A 254 16.18 -0.54 -17.42
N ARG A 255 16.92 -1.62 -17.20
CA ARG A 255 16.68 -2.86 -17.92
C ARG A 255 16.75 -4.07 -17.00
N VAL A 256 15.86 -5.03 -17.20
CA VAL A 256 15.91 -6.31 -16.49
C VAL A 256 15.89 -7.40 -17.53
N TRP A 257 16.76 -8.39 -17.37
CA TRP A 257 16.77 -9.52 -18.28
C TRP A 257 17.17 -10.81 -17.59
N GLY B 25 3.05 -2.22 14.79
CA GLY B 25 2.05 -1.61 15.65
C GLY B 25 1.95 -2.16 17.07
N PHE B 26 0.73 -2.22 17.59
CA PHE B 26 -0.46 -1.85 16.82
C PHE B 26 -0.70 -0.37 16.85
N VAL B 27 -1.10 0.20 15.71
CA VAL B 27 -1.59 1.57 15.72
C VAL B 27 -3.06 1.61 16.13
N PHE B 28 -3.82 0.56 15.87
CA PHE B 28 -5.20 0.48 16.35
C PHE B 28 -5.55 -0.97 16.62
N ARG B 29 -6.30 -1.20 17.70
CA ARG B 29 -6.87 -2.52 17.90
C ARG B 29 -8.19 -2.40 18.63
N ASP B 30 -9.10 -3.31 18.32
CA ASP B 30 -10.23 -3.59 19.20
C ASP B 30 -10.37 -5.09 19.27
N GLU B 31 -10.31 -5.64 20.49
CA GLU B 31 -10.45 -7.07 20.74
C GLU B 31 -11.84 -7.41 21.23
N PHE B 32 -12.70 -6.40 21.41
CA PHE B 32 -14.10 -6.60 21.75
C PHE B 32 -14.28 -7.36 23.09
N ASP B 33 -13.39 -7.11 24.03
CA ASP B 33 -13.59 -7.63 25.36
C ASP B 33 -14.54 -6.71 26.13
N GLY B 34 -15.28 -7.30 27.06
CA GLY B 34 -16.32 -6.57 27.77
C GLY B 34 -17.54 -7.43 28.03
N PRO B 35 -18.46 -6.93 28.84
CA PRO B 35 -19.60 -7.77 29.28
C PRO B 35 -20.61 -8.00 28.16
N ALA B 36 -21.38 -9.09 28.33
CA ALA B 36 -22.45 -9.42 27.38
C ALA B 36 -23.44 -8.27 27.31
N GLY B 37 -23.80 -7.88 26.09
CA GLY B 37 -24.81 -6.86 25.88
C GLY B 37 -24.30 -5.44 25.89
N SER B 38 -23.02 -5.22 26.15
CA SER B 38 -22.54 -3.87 26.24
C SER B 38 -22.30 -3.32 24.84
N ALA B 39 -22.28 -1.99 24.76
CA ALA B 39 -21.96 -1.32 23.51
C ALA B 39 -20.49 -1.53 23.17
N PRO B 40 -20.17 -1.61 21.89
CA PRO B 40 -18.77 -1.47 21.47
C PRO B 40 -18.20 -0.16 22.01
N ASP B 41 -16.88 -0.14 22.15
CA ASP B 41 -16.17 1.03 22.67
C ASP B 41 -16.48 2.25 21.81
N GLY B 42 -17.13 3.26 22.40
CA GLY B 42 -17.58 4.40 21.63
C GLY B 42 -16.47 5.29 21.13
N SER B 43 -15.29 5.24 21.76
CA SER B 43 -14.16 6.00 21.26
CA SER B 43 -14.16 6.00 21.26
C SER B 43 -13.51 5.34 20.05
N LYS B 44 -13.92 4.13 19.71
CA LYS B 44 -13.35 3.41 18.58
C LYS B 44 -14.31 3.20 17.43
N TRP B 45 -15.62 3.16 17.70
CA TRP B 45 -16.65 3.01 16.67
C TRP B 45 -17.83 3.93 16.97
N VAL B 46 -18.46 4.40 15.90
CA VAL B 46 -19.73 5.10 15.97
C VAL B 46 -20.73 4.22 15.22
N ALA B 47 -21.81 3.83 15.90
CA ALA B 47 -22.81 2.94 15.32
C ALA B 47 -23.81 3.76 14.51
N ALA B 48 -24.04 3.35 13.25
CA ALA B 48 -25.02 4.02 12.40
C ALA B 48 -26.40 3.97 13.04
N LYS B 49 -27.10 5.10 13.05
CA LYS B 49 -28.45 5.21 13.60
C LYS B 49 -29.53 5.06 12.55
N PHE B 50 -29.16 4.94 11.28
CA PHE B 50 -30.15 4.70 10.26
C PHE B 50 -29.43 4.17 9.04
N ARG B 51 -30.21 3.57 8.15
CA ARG B 51 -29.72 3.12 6.85
C ARG B 51 -29.60 4.30 5.89
N GLU B 52 -28.49 4.35 5.15
CA GLU B 52 -28.22 5.40 4.15
C GLU B 52 -29.43 5.61 3.24
N ARG B 53 -29.71 6.88 2.94
CA ARG B 53 -30.70 7.25 1.94
C ARG B 53 -30.06 7.22 0.56
N ILE B 54 -30.58 6.35 -0.31
CA ILE B 54 -30.05 6.16 -1.66
C ILE B 54 -30.79 7.08 -2.62
N LYS B 55 -30.05 7.79 -3.45
CA LYS B 55 -30.67 8.62 -4.49
C LYS B 55 -31.00 7.80 -5.73
N ASN B 56 -32.17 8.10 -6.32
CA ASN B 56 -32.72 7.34 -7.43
C ASN B 56 -32.67 5.84 -7.13
N PRO B 57 -33.32 5.39 -6.05
CA PRO B 57 -33.13 4.00 -5.60
C PRO B 57 -33.91 3.02 -6.45
N VAL B 58 -33.29 1.87 -6.72
CA VAL B 58 -34.02 0.75 -7.28
C VAL B 58 -34.92 0.22 -6.18
N PHE B 59 -35.76 -0.75 -6.50
CA PHE B 59 -36.75 -1.22 -5.53
C PHE B 59 -36.09 -1.57 -4.19
N TRP B 60 -35.10 -2.46 -4.21
CA TRP B 60 -34.52 -2.94 -2.97
C TRP B 60 -33.68 -1.89 -2.26
N ASP B 61 -33.39 -0.76 -2.89
CA ASP B 61 -32.74 0.38 -2.24
C ASP B 61 -33.71 1.44 -1.73
N ARG B 62 -35.00 1.30 -2.02
CA ARG B 62 -36.00 2.22 -1.49
C ARG B 62 -36.00 2.17 0.02
N PRO B 63 -36.32 3.29 0.69
CA PRO B 63 -36.27 3.31 2.15
C PRO B 63 -37.15 2.27 2.81
N GLU B 64 -38.37 2.10 2.30
CA GLU B 64 -39.33 1.16 2.86
C GLU B 64 -38.95 -0.30 2.65
N ASN B 65 -37.97 -0.59 1.80
CA ASN B 65 -37.60 -1.96 1.48
C ASN B 65 -36.30 -2.42 2.12
N MET B 66 -35.51 -1.51 2.67
CA MET B 66 -34.24 -1.84 3.28
C MET B 66 -34.38 -2.06 4.78
N GLY B 67 -33.49 -2.90 5.31
CA GLY B 67 -33.36 -3.01 6.74
C GLY B 67 -32.75 -1.74 7.31
N GLU B 68 -33.22 -1.34 8.49
CA GLU B 68 -32.72 -0.16 9.16
C GLU B 68 -31.57 -0.50 10.11
N TYR B 69 -30.53 0.34 10.09
CA TYR B 69 -29.52 0.26 11.13
C TYR B 69 -30.01 0.96 12.40
N ARG B 70 -29.56 0.44 13.54
CA ARG B 70 -29.87 1.07 14.82
C ARG B 70 -28.67 0.96 15.73
N ASP B 71 -28.40 2.02 16.50
CA ASP B 71 -27.44 1.92 17.60
C ASP B 71 -28.15 1.29 18.81
N SER B 72 -28.50 0.02 18.64
CA SER B 72 -29.29 -0.73 19.61
C SER B 72 -28.52 -1.96 20.01
N ARG B 73 -28.62 -2.32 21.30
CA ARG B 73 -27.99 -3.55 21.75
C ARG B 73 -28.73 -4.79 21.25
N THR B 74 -29.91 -4.63 20.67
CA THR B 74 -30.54 -5.75 19.96
C THR B 74 -29.71 -6.17 18.77
N ASN B 75 -28.96 -5.24 18.19
CA ASN B 75 -28.36 -5.44 16.87
C ASN B 75 -26.86 -5.26 16.83
N ILE B 76 -26.26 -4.52 17.76
CA ILE B 76 -24.81 -4.42 17.86
C ILE B 76 -24.46 -4.48 19.33
N PHE B 77 -23.73 -5.52 19.74
CA PHE B 77 -23.40 -5.71 21.13
C PHE B 77 -22.21 -6.64 21.23
N LEU B 78 -21.50 -6.57 22.36
CA LEU B 78 -20.47 -7.57 22.67
C LEU B 78 -21.13 -8.79 23.29
N ASP B 79 -20.58 -9.97 23.01
CA ASP B 79 -21.22 -11.21 23.46
C ASP B 79 -20.72 -11.68 24.82
N GLY B 80 -19.83 -10.94 25.45
CA GLY B 80 -19.27 -11.29 26.73
C GLY B 80 -18.23 -12.38 26.68
N ASN B 81 -17.86 -12.82 25.48
CA ASN B 81 -16.85 -13.82 25.22
C ASN B 81 -15.82 -13.33 24.21
N SER B 82 -15.61 -12.00 24.16
CA SER B 82 -14.60 -11.36 23.33
C SER B 82 -14.99 -11.36 21.85
N ASN B 83 -16.29 -11.19 21.57
CA ASN B 83 -16.81 -11.06 20.22
C ASN B 83 -17.77 -9.89 20.12
N LEU B 84 -17.58 -9.05 19.11
CA LEU B 84 -18.65 -8.19 18.64
C LEU B 84 -19.66 -9.06 17.92
N VAL B 85 -20.95 -8.82 18.20
CA VAL B 85 -22.05 -9.43 17.47
C VAL B 85 -22.79 -8.31 16.74
N ILE B 86 -22.90 -8.45 15.42
CA ILE B 86 -23.80 -7.63 14.62
C ILE B 86 -24.93 -8.54 14.20
N ARG B 87 -26.13 -8.27 14.68
CA ARG B 87 -27.27 -9.15 14.51
C ARG B 87 -28.35 -8.47 13.69
N ALA B 88 -28.85 -9.17 12.69
CA ALA B 88 -30.00 -8.74 11.92
C ALA B 88 -31.24 -9.38 12.50
N THR B 89 -32.27 -8.59 12.78
CA THR B 89 -33.48 -9.11 13.36
C THR B 89 -34.71 -8.67 12.57
N LYS B 90 -35.74 -9.52 12.59
CA LYS B 90 -37.05 -9.18 12.05
C LYS B 90 -37.96 -8.87 13.22
N GLU B 91 -38.54 -7.68 13.21
CA GLU B 91 -39.43 -7.22 14.26
C GLU B 91 -40.72 -6.81 13.57
N GLY B 92 -41.77 -7.60 13.78
CA GLY B 92 -42.93 -7.50 12.92
C GLY B 92 -42.53 -7.86 11.50
N ASN B 93 -42.83 -6.96 10.55
CA ASN B 93 -42.51 -7.16 9.15
C ASN B 93 -41.40 -6.24 8.66
N LYS B 94 -40.57 -5.72 9.56
CA LYS B 94 -39.43 -4.90 9.21
C LYS B 94 -38.15 -5.57 9.73
N TYR B 95 -37.03 -5.18 9.13
CA TYR B 95 -35.72 -5.72 9.49
C TYR B 95 -34.84 -4.64 10.09
N PHE B 96 -33.94 -5.07 10.98
CA PHE B 96 -33.05 -4.16 11.68
C PHE B 96 -31.69 -4.82 11.84
N SER B 97 -30.63 -4.03 11.76
CA SER B 97 -29.27 -4.57 11.92
C SER B 97 -28.32 -3.43 12.32
N GLY B 98 -27.04 -3.63 12.07
CA GLY B 98 -26.02 -2.77 12.65
C GLY B 98 -24.90 -2.43 11.68
N LYS B 99 -24.27 -1.29 11.96
CA LYS B 99 -23.12 -0.80 11.20
C LYS B 99 -22.21 -0.05 12.16
N LEU B 100 -20.92 -0.35 12.13
CA LEU B 100 -19.93 0.37 12.91
C LEU B 100 -19.02 1.12 11.97
N HIS B 101 -18.88 2.43 12.22
CA HIS B 101 -18.01 3.32 11.46
C HIS B 101 -16.79 3.62 12.33
N GLY B 102 -15.67 2.97 12.00
CA GLY B 102 -14.42 3.20 12.70
C GLY B 102 -13.99 4.65 12.76
N THR B 103 -13.66 5.11 13.98
CA THR B 103 -13.11 6.44 14.17
C THR B 103 -11.68 6.55 13.67
N PHE B 104 -10.94 5.44 13.72
CA PHE B 104 -9.51 5.48 13.45
C PHE B 104 -9.25 5.79 11.99
N ARG B 105 -8.18 6.54 11.73
CA ARG B 105 -7.83 6.98 10.39
C ARG B 105 -6.40 6.54 10.05
N GLY B 106 -6.27 5.41 9.36
CA GLY B 106 -4.95 4.88 9.02
C GLY B 106 -4.49 5.31 7.65
N GLY B 107 -3.16 5.30 7.46
CA GLY B 107 -2.55 5.77 6.25
C GLY B 107 -1.72 4.71 5.55
N MET B 108 -1.17 5.10 4.40
CA MET B 108 -0.29 4.21 3.65
C MET B 108 0.80 3.68 4.56
N GLY B 109 1.10 2.40 4.40
CA GLY B 109 2.11 1.74 5.21
C GLY B 109 1.53 0.82 6.26
N HIS B 110 0.22 0.75 6.39
CA HIS B 110 -0.37 -0.05 7.45
C HIS B 110 -1.02 -1.30 6.87
N THR B 111 -1.14 -2.28 7.75
CA THR B 111 -1.85 -3.52 7.48
C THR B 111 -3.07 -3.56 8.38
N PHE B 112 -4.21 -3.86 7.79
CA PHE B 112 -5.51 -3.95 8.44
C PHE B 112 -5.97 -5.40 8.42
N GLU B 113 -6.49 -5.89 9.55
CA GLU B 113 -6.94 -7.28 9.61
C GLU B 113 -8.11 -7.45 10.57
N ALA B 114 -9.12 -8.22 10.15
CA ALA B 114 -10.21 -8.60 11.03
C ALA B 114 -10.39 -10.11 11.00
N ARG B 115 -10.85 -10.65 12.12
CA ARG B 115 -11.15 -12.07 12.25
C ARG B 115 -12.65 -12.22 12.44
N ILE B 116 -13.32 -12.84 11.46
CA ILE B 116 -14.76 -12.76 11.30
C ILE B 116 -15.32 -14.15 11.03
N LYS B 117 -16.48 -14.42 11.60
CA LYS B 117 -17.30 -15.58 11.29
C LYS B 117 -18.64 -15.06 10.83
N PHE B 118 -18.95 -15.27 9.55
CA PHE B 118 -20.22 -14.87 8.96
C PHE B 118 -21.24 -15.98 9.18
N ASN B 119 -22.05 -15.86 10.23
CA ASN B 119 -23.17 -16.76 10.49
C ASN B 119 -24.45 -16.21 9.88
N CYS B 120 -24.34 -15.59 8.70
CA CYS B 120 -25.44 -14.82 8.14
C CYS B 120 -25.42 -14.93 6.62
N LEU B 121 -25.18 -16.12 6.10
CA LEU B 121 -25.17 -16.34 4.66
C LEU B 121 -26.53 -16.83 4.23
N THR B 122 -27.49 -15.91 4.27
CA THR B 122 -28.88 -16.20 4.04
C THR B 122 -29.47 -15.09 3.16
N ASP B 123 -30.64 -15.38 2.59
CA ASP B 123 -31.40 -14.41 1.81
C ASP B 123 -31.56 -13.10 2.54
N GLY B 124 -31.24 -12.00 1.86
CA GLY B 124 -31.40 -10.66 2.37
C GLY B 124 -30.14 -10.09 3.01
N CYS B 125 -29.27 -10.95 3.54
CA CYS B 125 -28.11 -10.50 4.29
C CYS B 125 -26.98 -10.06 3.35
N TRP B 126 -26.22 -9.08 3.82
CA TRP B 126 -25.19 -8.43 3.02
C TRP B 126 -24.15 -7.91 3.99
N PRO B 127 -23.30 -8.79 4.52
CA PRO B 127 -22.22 -8.34 5.42
C PRO B 127 -20.98 -7.88 4.67
N ALA B 128 -20.18 -7.06 5.36
CA ALA B 128 -18.96 -6.54 4.76
C ALA B 128 -17.99 -6.11 5.85
N TRP B 129 -16.71 -6.31 5.56
CA TRP B 129 -15.57 -5.79 6.32
C TRP B 129 -14.74 -5.01 5.31
N TRP B 130 -14.57 -3.71 5.57
CA TRP B 130 -14.09 -2.80 4.55
C TRP B 130 -13.41 -1.58 5.16
N LEU B 131 -12.77 -0.81 4.29
CA LEU B 131 -12.14 0.47 4.62
C LEU B 131 -12.69 1.56 3.74
N LEU B 132 -12.81 2.75 4.29
CA LEU B 132 -13.48 3.85 3.60
C LEU B 132 -12.74 5.17 3.74
N ASN B 133 -12.55 5.86 2.61
CA ASN B 133 -12.28 7.29 2.59
C ASN B 133 -13.49 8.01 1.99
N ASP B 134 -14.14 8.84 2.80
CA ASP B 134 -15.45 9.42 2.52
C ASP B 134 -15.40 10.75 1.76
N ASN B 135 -14.23 11.20 1.33
CA ASN B 135 -14.17 12.46 0.61
C ASN B 135 -14.99 12.35 -0.66
N PRO B 136 -15.95 13.25 -0.91
CA PRO B 136 -16.84 13.05 -2.09
C PRO B 136 -16.17 13.29 -3.43
N GLU B 137 -15.06 14.02 -3.48
CA GLU B 137 -14.38 14.23 -4.75
C GLU B 137 -13.25 13.24 -4.97
N ARG B 138 -12.61 12.78 -3.89
CA ARG B 138 -11.42 11.95 -3.96
C ARG B 138 -11.57 10.67 -3.14
N GLY B 139 -12.79 10.27 -2.80
CA GLY B 139 -12.96 9.16 -1.89
C GLY B 139 -12.65 7.82 -2.54
N GLY B 140 -12.78 6.78 -1.74
CA GLY B 140 -12.42 5.45 -2.21
C GLY B 140 -12.81 4.42 -1.17
N GLU B 141 -12.74 3.16 -1.58
CA GLU B 141 -13.25 2.09 -0.74
C GLU B 141 -12.56 0.77 -1.06
N ILE B 142 -12.37 -0.05 -0.02
CA ILE B 142 -11.74 -1.35 -0.15
C ILE B 142 -12.62 -2.34 0.60
N ASP B 143 -13.26 -3.23 -0.12
CA ASP B 143 -14.15 -4.22 0.45
C ASP B 143 -13.36 -5.52 0.54
N MET B 144 -12.88 -5.86 1.76
CA MET B 144 -12.03 -7.03 1.94
C MET B 144 -12.84 -8.31 1.85
N ALA B 145 -13.96 -8.37 2.56
CA ALA B 145 -14.88 -9.49 2.49
C ALA B 145 -16.29 -8.93 2.32
N GLU B 146 -17.01 -9.42 1.33
CA GLU B 146 -18.37 -8.99 1.05
C GLU B 146 -19.12 -10.18 0.47
N TRP B 147 -20.21 -10.54 1.12
CA TRP B 147 -21.10 -11.62 0.70
C TRP B 147 -22.46 -11.04 0.39
N TYR B 148 -23.11 -11.54 -0.67
CA TYR B 148 -24.33 -10.95 -1.20
C TYR B 148 -25.50 -11.91 -1.06
N GLY B 149 -26.55 -11.48 -0.36
CA GLY B 149 -27.69 -12.35 -0.15
C GLY B 149 -28.80 -12.26 -1.17
N ASN B 150 -28.53 -11.68 -2.34
CA ASN B 150 -29.58 -11.52 -3.35
C ASN B 150 -29.64 -12.67 -4.35
N ARG B 151 -28.84 -13.72 -4.15
CA ARG B 151 -28.84 -14.93 -4.99
C ARG B 151 -28.34 -14.67 -6.42
N ASP B 152 -27.45 -13.70 -6.60
CA ASP B 152 -27.09 -13.29 -7.95
C ASP B 152 -25.60 -12.95 -8.02
N TRP B 153 -25.13 -12.14 -7.06
CA TRP B 153 -23.78 -11.60 -7.08
C TRP B 153 -22.82 -12.52 -6.34
N PRO B 154 -21.59 -12.68 -6.84
CA PRO B 154 -20.60 -13.48 -6.13
C PRO B 154 -19.97 -12.70 -5.01
N SER B 155 -19.67 -13.39 -3.92
CA SER B 155 -18.89 -12.80 -2.85
C SER B 155 -17.46 -12.54 -3.31
N GLY B 156 -16.80 -11.57 -2.67
CA GLY B 156 -15.39 -11.38 -2.93
C GLY B 156 -14.91 -10.02 -2.45
N THR B 157 -13.85 -9.58 -3.11
CA THR B 157 -13.02 -8.47 -2.68
C THR B 157 -13.04 -7.42 -3.79
N THR B 158 -13.09 -6.15 -3.41
CA THR B 158 -13.14 -5.08 -4.41
C THR B 158 -12.34 -3.88 -3.93
N VAL B 159 -11.64 -3.25 -4.86
CA VAL B 159 -10.99 -1.95 -4.66
C VAL B 159 -11.73 -0.94 -5.53
N HIS B 160 -12.31 0.07 -4.91
CA HIS B 160 -13.00 1.16 -5.61
C HIS B 160 -12.13 2.40 -5.54
N ALA B 161 -11.63 2.85 -6.67
CA ALA B 161 -10.92 4.13 -6.74
C ALA B 161 -11.86 5.33 -6.80
N ARG B 162 -13.17 5.10 -6.90
CA ARG B 162 -14.17 6.15 -7.03
C ARG B 162 -15.43 5.71 -6.29
N LEU B 163 -16.01 6.61 -5.50
CA LEU B 163 -17.17 6.28 -4.70
C LEU B 163 -18.41 6.05 -5.54
N ASP B 164 -18.46 6.56 -6.78
CA ASP B 164 -19.63 6.34 -7.63
C ASP B 164 -19.66 4.97 -8.25
N GLY B 165 -18.71 4.10 -7.93
CA GLY B 165 -18.75 2.73 -8.37
C GLY B 165 -18.32 2.53 -9.80
N THR B 166 -17.66 3.52 -10.38
CA THR B 166 -17.32 3.48 -11.80
C THR B 166 -15.87 3.07 -12.07
N SER B 167 -15.03 2.90 -11.04
CA SER B 167 -13.59 2.64 -11.26
C SER B 167 -13.07 1.64 -10.24
N PHE B 168 -13.07 0.35 -10.61
CA PHE B 168 -12.79 -0.68 -9.62
C PHE B 168 -12.05 -1.87 -10.21
N GLU B 169 -11.46 -2.65 -9.30
CA GLU B 169 -11.00 -4.00 -9.57
C GLU B 169 -11.62 -4.93 -8.55
N THR B 170 -12.16 -6.05 -9.02
CA THR B 170 -12.91 -6.97 -8.19
C THR B 170 -12.39 -8.38 -8.40
N LEU B 171 -12.63 -9.25 -7.42
CA LEU B 171 -12.23 -10.64 -7.59
C LEU B 171 -13.19 -11.50 -6.78
N PRO B 172 -13.86 -12.46 -7.41
CA PRO B 172 -14.67 -13.42 -6.65
C PRO B 172 -13.84 -14.22 -5.65
N VAL B 173 -14.36 -14.32 -4.43
CA VAL B 173 -13.77 -15.09 -3.34
C VAL B 173 -14.88 -15.84 -2.61
N PRO B 174 -14.91 -17.18 -2.67
CA PRO B 174 -15.89 -17.94 -1.91
C PRO B 174 -15.82 -17.63 -0.41
N ILE B 175 -16.99 -17.47 0.19
CA ILE B 175 -17.07 -17.10 1.59
C ILE B 175 -18.07 -18.04 2.26
N ASP B 176 -17.60 -18.83 3.24
CA ASP B 176 -18.43 -19.73 4.02
C ASP B 176 -18.59 -19.20 5.45
N SER B 177 -19.06 -20.06 6.35
CA SER B 177 -19.40 -19.65 7.70
C SER B 177 -18.30 -19.99 8.72
N ASN B 178 -17.10 -20.29 8.27
CA ASN B 178 -16.02 -20.60 9.20
C ASN B 178 -15.27 -19.34 9.58
N TRP B 179 -14.66 -19.35 10.76
CA TRP B 179 -13.80 -18.24 11.14
C TRP B 179 -12.71 -18.06 10.08
N HIS B 180 -12.45 -16.81 9.72
CA HIS B 180 -11.31 -16.51 8.87
C HIS B 180 -10.70 -15.19 9.31
N THR B 181 -9.45 -14.97 8.94
CA THR B 181 -8.88 -13.63 9.01
C THR B 181 -8.83 -13.04 7.61
N TRP B 182 -9.22 -11.78 7.51
CA TRP B 182 -9.20 -11.02 6.28
C TRP B 182 -8.21 -9.88 6.48
N ARG B 183 -7.17 -9.85 5.65
CA ARG B 183 -6.08 -8.90 5.80
C ARG B 183 -5.86 -8.13 4.51
N CYS B 184 -5.60 -6.83 4.66
CA CYS B 184 -5.19 -5.95 3.57
C CYS B 184 -3.94 -5.20 4.01
N THR B 185 -2.87 -5.31 3.23
CA THR B 185 -1.68 -4.50 3.44
C THR B 185 -1.61 -3.40 2.40
N TRP B 186 -1.38 -2.17 2.84
CA TRP B 186 -1.45 -0.97 2.03
C TRP B 186 -0.09 -0.29 2.04
N THR B 187 0.56 -0.27 0.88
CA THR B 187 1.90 0.27 0.73
C THR B 187 1.92 1.21 -0.46
N GLU B 188 3.07 1.85 -0.68
CA GLU B 188 3.21 2.68 -1.87
C GLU B 188 2.92 1.91 -3.14
N ALA B 189 3.35 0.63 -3.20
CA ALA B 189 3.16 -0.18 -4.41
C ALA B 189 1.70 -0.53 -4.67
N GLY B 190 0.86 -0.53 -3.65
CA GLY B 190 -0.54 -0.86 -3.84
C GLY B 190 -1.18 -1.58 -2.67
N LEU B 191 -2.15 -2.46 -2.98
CA LEU B 191 -3.03 -3.09 -2.00
C LEU B 191 -2.90 -4.61 -2.10
N TYR B 192 -2.57 -5.26 -0.98
CA TYR B 192 -2.38 -6.70 -0.93
C TYR B 192 -3.41 -7.33 0.00
N PHE B 193 -3.92 -8.50 -0.38
CA PHE B 193 -5.04 -9.13 0.30
C PHE B 193 -4.74 -10.60 0.60
N TRP B 194 -5.01 -11.03 1.84
CA TRP B 194 -4.86 -12.42 2.24
C TRP B 194 -6.07 -12.89 3.02
N MET B 195 -6.43 -14.15 2.84
CA MET B 195 -7.36 -14.85 3.72
C MET B 195 -6.61 -15.91 4.51
N ASP B 196 -6.74 -15.85 5.84
CA ASP B 196 -6.10 -16.78 6.77
C ASP B 196 -4.57 -16.76 6.61
N TYR B 197 -4.02 -15.55 6.64
CA TYR B 197 -2.60 -15.32 6.38
C TYR B 197 -1.72 -16.24 7.21
N HIS B 198 -0.65 -16.73 6.59
CA HIS B 198 0.49 -17.29 7.30
C HIS B 198 1.74 -16.83 6.57
N ASP B 199 2.85 -16.74 7.31
CA ASP B 199 4.12 -16.33 6.72
C ASP B 199 4.42 -17.22 5.52
N GLY B 200 4.76 -16.59 4.41
CA GLY B 200 5.02 -17.28 3.17
C GLY B 200 3.85 -17.27 2.20
N MET B 201 2.66 -16.90 2.64
CA MET B 201 1.48 -17.08 1.79
C MET B 201 1.43 -15.97 0.75
N GLU B 202 1.33 -16.36 -0.51
CA GLU B 202 1.11 -15.40 -1.59
C GLU B 202 -0.29 -14.77 -1.45
N PRO B 203 -0.41 -13.45 -1.56
CA PRO B 203 -1.74 -12.82 -1.48
C PRO B 203 -2.64 -13.25 -2.63
N TYR B 204 -3.93 -13.41 -2.33
CA TYR B 204 -4.87 -13.79 -3.37
C TYR B 204 -5.18 -12.63 -4.33
N LEU B 205 -4.86 -11.39 -3.95
CA LEU B 205 -5.20 -10.24 -4.78
C LEU B 205 -4.20 -9.11 -4.53
N THR B 206 -3.58 -8.64 -5.61
CA THR B 206 -2.75 -7.44 -5.60
C THR B 206 -3.31 -6.45 -6.59
N VAL B 207 -3.50 -5.22 -6.13
CA VAL B 207 -4.02 -4.13 -6.96
C VAL B 207 -2.98 -3.02 -6.94
N ASP B 208 -2.34 -2.79 -8.08
CA ASP B 208 -1.19 -1.89 -8.13
C ASP B 208 -1.64 -0.43 -8.03
N ALA B 209 -0.79 0.38 -7.40
CA ALA B 209 -1.01 1.82 -7.37
C ALA B 209 -1.10 2.36 -8.79
N ASN B 210 -2.07 3.23 -9.02
CA ASN B 210 -2.32 3.86 -10.31
C ASN B 210 -2.81 2.89 -11.37
N SER B 211 -3.34 1.73 -10.96
CA SER B 211 -3.88 0.78 -11.92
C SER B 211 -5.35 1.05 -12.27
N LEU B 212 -6.01 1.96 -11.54
CA LEU B 212 -7.39 2.36 -11.79
C LEU B 212 -7.45 3.86 -12.06
N ASP B 213 -8.46 4.26 -12.85
CA ASP B 213 -8.72 5.67 -13.10
C ASP B 213 -8.99 6.39 -11.78
N ASP B 214 -8.40 7.59 -11.65
CA ASP B 214 -8.57 8.48 -10.50
C ASP B 214 -8.12 7.83 -9.19
N TRP B 215 -7.22 6.83 -9.28
CA TRP B 215 -6.62 6.14 -8.14
C TRP B 215 -6.23 7.10 -7.02
N PRO B 216 -6.91 7.05 -5.87
CA PRO B 216 -6.69 8.08 -4.84
C PRO B 216 -5.72 7.65 -3.75
N PHE B 217 -5.41 6.35 -3.69
CA PHE B 217 -4.79 5.76 -2.51
C PHE B 217 -3.35 6.21 -2.29
N ASN B 218 -2.72 6.88 -3.26
CA ASN B 218 -1.36 7.40 -3.10
C ASN B 218 -1.34 8.91 -2.84
N ASP B 219 -2.49 9.53 -2.62
CA ASP B 219 -2.56 10.96 -2.38
C ASP B 219 -1.90 11.36 -1.06
N PRO B 220 -1.28 12.54 -1.00
CA PRO B 220 -0.82 13.09 0.29
C PRO B 220 -1.93 13.17 1.33
N GLY B 221 -1.64 12.67 2.53
CA GLY B 221 -2.57 12.74 3.64
C GLY B 221 -3.73 11.77 3.60
N TYR B 222 -3.72 10.81 2.68
CA TYR B 222 -4.87 9.95 2.47
C TYR B 222 -5.06 8.99 3.64
N THR B 223 -6.27 8.92 4.19
CA THR B 223 -6.52 7.94 5.24
C THR B 223 -7.74 7.07 4.93
N LEU B 224 -7.86 6.00 5.72
CA LEU B 224 -8.93 5.02 5.64
C LEU B 224 -9.42 4.67 7.04
N GLN B 225 -10.75 4.56 7.19
CA GLN B 225 -11.36 4.15 8.47
C GLN B 225 -11.94 2.74 8.37
N PRO B 226 -11.78 1.92 9.42
CA PRO B 226 -12.29 0.54 9.36
C PRO B 226 -13.80 0.50 9.51
N MET B 227 -14.45 -0.32 8.69
CA MET B 227 -15.90 -0.42 8.64
C MET B 227 -16.33 -1.87 8.82
N LEU B 228 -17.46 -2.06 9.50
CA LEU B 228 -18.02 -3.39 9.77
C LEU B 228 -19.53 -3.29 9.76
N ASN B 229 -20.20 -4.07 8.93
CA ASN B 229 -21.66 -3.97 8.94
C ASN B 229 -22.28 -5.27 8.46
N LEU B 230 -23.51 -5.49 8.91
CA LEU B 230 -24.39 -6.53 8.38
C LEU B 230 -25.62 -5.80 7.87
N ALA B 231 -25.76 -5.69 6.55
CA ALA B 231 -26.90 -5.03 5.91
C ALA B 231 -28.01 -6.04 5.61
N VAL B 232 -29.26 -5.56 5.58
CA VAL B 232 -30.42 -6.37 5.22
C VAL B 232 -31.13 -5.68 4.07
N ALA B 233 -31.39 -6.43 3.00
CA ALA B 233 -31.94 -5.91 1.74
C ALA B 233 -30.96 -4.88 1.18
N GLY B 234 -31.46 -3.91 0.44
CA GLY B 234 -30.60 -3.15 -0.43
C GLY B 234 -30.33 -3.96 -1.67
N SER B 235 -29.59 -3.37 -2.59
CA SER B 235 -29.32 -4.02 -3.86
C SER B 235 -28.54 -5.33 -3.67
N GLY B 236 -27.45 -5.28 -2.90
CA GLY B 236 -26.65 -6.47 -2.66
C GLY B 236 -27.24 -7.51 -1.74
N GLY B 237 -28.27 -7.17 -0.97
CA GLY B 237 -28.87 -8.09 -0.05
C GLY B 237 -30.07 -8.79 -0.65
N GLY B 238 -30.84 -8.07 -1.45
CA GLY B 238 -32.05 -8.68 -1.96
C GLY B 238 -33.12 -8.87 -0.90
N ASP B 239 -34.14 -9.63 -1.31
CA ASP B 239 -35.31 -9.90 -0.46
C ASP B 239 -34.97 -10.81 0.71
N PRO B 240 -35.14 -10.37 1.96
CA PRO B 240 -34.90 -11.26 3.10
C PRO B 240 -36.04 -12.25 3.38
N ALA B 241 -37.10 -12.23 2.58
CA ALA B 241 -38.30 -13.01 2.90
C ALA B 241 -38.02 -14.50 2.96
N GLY B 242 -37.06 -14.98 2.17
CA GLY B 242 -36.66 -16.38 2.19
C GLY B 242 -35.50 -16.72 3.09
N GLY B 243 -35.08 -15.81 3.98
CA GLY B 243 -33.89 -16.08 4.76
C GLY B 243 -34.20 -16.33 6.21
N SER B 244 -33.26 -16.97 6.92
CA SER B 244 -33.40 -17.29 8.34
C SER B 244 -32.98 -16.09 9.18
N TYR B 245 -33.91 -15.57 9.97
CA TYR B 245 -33.61 -14.51 10.93
C TYR B 245 -34.03 -14.97 12.32
N PRO B 246 -33.19 -14.67 13.33
CA PRO B 246 -32.03 -13.78 13.23
C PRO B 246 -30.78 -14.38 12.58
N ALA B 247 -29.89 -13.49 12.16
CA ALA B 247 -28.62 -13.84 11.56
C ALA B 247 -27.57 -12.89 12.12
N GLU B 248 -26.35 -13.40 12.37
CA GLU B 248 -25.33 -12.64 13.07
C GLU B 248 -23.99 -12.82 12.37
N MET B 249 -23.22 -11.75 12.36
CA MET B 249 -21.82 -11.75 11.96
C MET B 249 -21.01 -11.52 13.23
N LEU B 250 -20.03 -12.38 13.47
CA LEU B 250 -19.17 -12.28 14.66
C LEU B 250 -17.81 -11.75 14.25
N VAL B 251 -17.25 -10.89 15.09
CA VAL B 251 -15.95 -10.29 14.84
C VAL B 251 -15.10 -10.44 16.11
N ASP B 252 -13.98 -11.14 15.97
CA ASP B 252 -13.08 -11.35 17.10
C ASP B 252 -12.26 -10.10 17.39
N TYR B 253 -11.66 -9.52 16.35
CA TYR B 253 -10.84 -8.35 16.54
C TYR B 253 -10.82 -7.54 15.25
N VAL B 254 -10.43 -6.27 15.37
CA VAL B 254 -9.91 -5.48 14.26
C VAL B 254 -8.53 -4.97 14.67
N ARG B 255 -7.50 -5.27 13.89
CA ARG B 255 -6.15 -4.83 14.21
C ARG B 255 -5.52 -4.07 13.04
N VAL B 256 -4.77 -3.02 13.35
CA VAL B 256 -4.04 -2.25 12.35
C VAL B 256 -2.64 -2.00 12.91
N TRP B 257 -1.61 -2.28 12.11
CA TRP B 257 -0.23 -2.12 12.57
C TRP B 257 0.67 -1.74 11.39
#